data_9CY8
#
_entry.id   9CY8
#
_cell.length_a   113.059
_cell.length_b   128.053
_cell.length_c   34.907
_cell.angle_alpha   90.000
_cell.angle_beta   90.000
_cell.angle_gamma   90.000
#
_symmetry.space_group_name_H-M   'C 2 2 2'
#
loop_
_entity.id
_entity.type
_entity.pdbx_description
1 polymer 'Ephrin type-A receptor 4'
2 polymer 'Constrained b-hairpin'
3 non-polymer 'CHLORIDE ION'
4 water water
#
loop_
_entity_poly.entity_id
_entity_poly.type
_entity_poly.pdbx_seq_one_letter_code
_entity_poly.pdbx_strand_id
1 'polypeptide(L)'
;GSHMNEVTLLDSRSVQGELGWIASPLEGGWEEVSIMDEKNTPIRTYQVCNVMEPSQNNWLRTDWITREGAQRVYIEIKFT
LRDCNSLPGVMGTCKETFNLYYYESDNDKERFIRENQFVKIDTIAADESFTQVDIGDRIMKLNTEIRDVGPLSKKGFYLA
FQDVGACIALVSVRVFYKKAPLTVR
;
A
2 'polypeptide(L)' (BAL)PY(NLE)VYR(A1A0X)EWSP(NH2) B
#
loop_
_chem_comp.id
_chem_comp.type
_chem_comp.name
_chem_comp.formula
A1A0X non-polymer '4-amino-5-methylthiophene-3-carboxylic acid' 'C6 H7 N O2 S'
BAL peptide-like BETA-ALANINE 'C3 H7 N O2'
CL non-polymer 'CHLORIDE ION' 'Cl -1'
NH2 non-polymer 'AMINO GROUP' 'H2 N'
#
# COMPACT_ATOMS: atom_id res chain seq x y z
N GLY A 1 1.39 -22.06 -2.13
CA GLY A 1 0.35 -21.09 -1.81
C GLY A 1 -0.18 -21.22 -0.40
N SER A 2 0.51 -22.01 0.42
CA SER A 2 0.13 -22.25 1.80
C SER A 2 1.23 -21.75 2.73
N HIS A 3 0.91 -21.67 4.02
CA HIS A 3 1.90 -21.26 5.00
C HIS A 3 3.01 -22.29 5.18
N MET A 4 2.81 -23.52 4.68
CA MET A 4 3.82 -24.56 4.84
C MET A 4 5.06 -24.30 3.97
N ASN A 5 4.95 -23.46 2.94
CA ASN A 5 6.09 -23.16 2.08
C ASN A 5 6.26 -21.66 1.87
N GLU A 6 5.63 -20.83 2.70
CA GLU A 6 5.81 -19.39 2.66
C GLU A 6 5.93 -18.86 4.08
N VAL A 7 6.90 -17.97 4.28
CA VAL A 7 7.14 -17.34 5.57
C VAL A 7 6.67 -15.90 5.48
N THR A 8 5.71 -15.53 6.34
CA THR A 8 5.16 -14.18 6.33
C THR A 8 6.10 -13.23 7.06
N LEU A 9 6.51 -12.17 6.38
CA LEU A 9 7.31 -11.11 6.99
C LEU A 9 6.46 -9.95 7.51
N LEU A 10 5.34 -9.68 6.83
CA LEU A 10 4.45 -8.60 7.22
C LEU A 10 3.03 -8.95 6.78
N ASP A 11 2.07 -8.75 7.68
CA ASP A 11 0.66 -8.89 7.36
C ASP A 11 -0.06 -7.70 7.98
N SER A 12 -0.48 -6.74 7.16
CA SER A 12 -1.15 -5.55 7.68
C SER A 12 -2.40 -5.89 8.47
N ARG A 13 -3.01 -7.04 8.20
CA ARG A 13 -4.24 -7.44 8.87
C ARG A 13 -4.00 -8.04 10.25
N SER A 14 -2.75 -8.30 10.62
CA SER A 14 -2.48 -8.99 11.88
C SER A 14 -2.25 -7.98 13.01
N VAL A 15 -2.15 -8.52 14.24
CA VAL A 15 -2.16 -7.68 15.44
C VAL A 15 -1.02 -6.65 15.39
N GLN A 16 0.21 -7.13 15.21
CA GLN A 16 1.38 -6.26 15.19
C GLN A 16 1.75 -5.80 13.78
N GLY A 17 0.91 -6.09 12.78
CA GLY A 17 1.14 -5.61 11.43
C GLY A 17 0.51 -4.28 11.10
N GLU A 18 -0.31 -3.73 12.00
CA GLU A 18 -0.96 -2.45 11.79
C GLU A 18 -0.14 -1.29 12.33
N LEU A 19 0.61 -1.50 13.40
CA LEU A 19 1.39 -0.44 14.00
C LEU A 19 2.73 -0.27 13.28
N GLY A 20 3.12 0.99 13.06
CA GLY A 20 4.40 1.32 12.44
C GLY A 20 4.30 2.10 11.15
N TRP A 21 3.12 2.24 10.56
CA TRP A 21 2.99 2.93 9.28
C TRP A 21 3.04 4.45 9.48
N ILE A 22 3.74 5.12 8.57
CA ILE A 22 3.98 6.56 8.66
C ILE A 22 3.47 7.20 7.38
N ALA A 23 2.65 8.23 7.53
CA ALA A 23 2.10 8.97 6.39
C ALA A 23 2.80 10.31 6.24
N SER A 24 3.22 10.62 5.03
CA SER A 24 3.82 11.92 4.70
C SER A 24 3.06 12.51 3.52
N PRO A 25 2.25 13.55 3.72
CA PRO A 25 2.03 14.33 4.95
C PRO A 25 1.35 13.54 6.06
N LEU A 26 1.51 13.94 7.31
CA LEU A 26 0.88 13.23 8.40
C LEU A 26 -0.63 13.30 8.34
N GLU A 27 -1.16 14.39 7.81
CA GLU A 27 -2.60 14.51 7.67
C GLU A 27 -2.92 15.18 6.34
N GLY A 28 -4.12 14.89 5.83
CA GLY A 28 -4.53 15.39 4.53
C GLY A 28 -4.15 14.50 3.37
N GLY A 29 -3.31 13.49 3.58
CA GLY A 29 -2.96 12.55 2.54
C GLY A 29 -3.51 11.16 2.80
N TRP A 30 -2.63 10.18 2.93
CA TRP A 30 -3.07 8.85 3.35
C TRP A 30 -3.58 8.92 4.80
N GLU A 31 -4.78 8.40 5.02
CA GLU A 31 -5.35 8.39 6.36
C GLU A 31 -5.94 7.03 6.65
N GLU A 32 -5.85 6.61 7.91
CA GLU A 32 -6.38 5.32 8.32
C GLU A 32 -7.90 5.36 8.31
N VAL A 33 -8.52 4.29 7.80
CA VAL A 33 -9.96 4.11 7.81
C VAL A 33 -10.23 2.66 8.15
N SER A 34 -10.75 2.40 9.36
CA SER A 34 -11.16 1.06 9.74
C SER A 34 -12.46 0.69 9.03
N ILE A 35 -12.61 -0.60 8.74
CA ILE A 35 -13.61 -1.03 7.78
C ILE A 35 -14.40 -2.25 8.25
N MET A 36 -13.81 -3.04 9.14
CA MET A 36 -14.48 -4.23 9.69
C MET A 36 -14.83 -5.22 8.59
N THR A 41 -14.26 -8.27 13.25
CA THR A 41 -13.14 -8.44 12.32
C THR A 41 -12.68 -7.11 11.71
N PRO A 42 -12.21 -6.19 12.55
CA PRO A 42 -11.86 -4.85 12.05
C PRO A 42 -10.54 -4.85 11.30
N ILE A 43 -10.51 -4.12 10.19
CA ILE A 43 -9.34 -4.06 9.32
C ILE A 43 -8.91 -2.60 9.20
N ARG A 44 -7.62 -2.36 9.40
CA ARG A 44 -7.04 -1.02 9.32
C ARG A 44 -6.58 -0.78 7.88
N THR A 45 -7.30 0.06 7.16
CA THR A 45 -6.95 0.42 5.79
C THR A 45 -6.37 1.83 5.76
N TYR A 46 -5.70 2.14 4.65
CA TYR A 46 -5.15 3.47 4.40
C TYR A 46 -5.71 3.97 3.08
N GLN A 47 -6.26 5.19 3.09
CA GLN A 47 -6.96 5.73 1.95
C GLN A 47 -6.51 7.16 1.69
N VAL A 48 -6.63 7.58 0.43
CA VAL A 48 -6.33 8.95 0.01
C VAL A 48 -7.16 9.25 -1.23
N CYS A 49 -7.71 10.47 -1.28
CA CYS A 49 -8.60 10.84 -2.37
C CYS A 49 -8.65 12.36 -2.54
N ASN A 50 -7.52 12.97 -2.88
CA ASN A 50 -7.44 14.41 -3.12
C ASN A 50 -7.57 14.73 -4.61
N VAL A 51 -8.64 14.21 -5.24
CA VAL A 51 -8.81 14.37 -6.68
C VAL A 51 -9.18 15.79 -7.09
N MET A 52 -9.54 16.65 -6.14
CA MET A 52 -9.85 18.04 -6.48
C MET A 52 -8.63 18.93 -6.39
N GLU A 53 -7.82 18.77 -5.35
CA GLU A 53 -6.63 19.58 -5.11
C GLU A 53 -5.51 19.20 -6.06
N PRO A 54 -4.70 20.17 -6.49
CA PRO A 54 -3.66 19.90 -7.48
C PRO A 54 -2.34 19.48 -6.84
N SER A 55 -1.45 18.96 -7.69
CA SER A 55 -0.06 18.64 -7.35
C SER A 55 0.01 17.79 -6.08
N GLN A 56 -0.58 16.61 -6.11
CA GLN A 56 -0.52 15.73 -4.97
C GLN A 56 0.69 14.80 -5.01
N ASN A 57 1.29 14.58 -3.86
CA ASN A 57 2.43 13.68 -3.74
C ASN A 57 2.38 13.15 -2.34
N ASN A 58 1.49 12.22 -2.10
CA ASN A 58 1.30 11.73 -0.77
C ASN A 58 2.00 10.41 -0.59
N TRP A 59 2.69 10.25 0.54
CA TRP A 59 3.49 9.06 0.76
C TRP A 59 3.03 8.33 2.01
N LEU A 60 3.21 7.01 1.99
CA LEU A 60 2.90 6.14 3.12
C LEU A 60 3.95 5.03 3.13
N ARG A 61 4.62 4.84 4.26
CA ARG A 61 5.65 3.83 4.37
C ARG A 61 5.45 2.96 5.60
N THR A 62 5.99 1.76 5.54
CA THR A 62 5.93 0.81 6.64
C THR A 62 7.04 1.08 7.63
N ASP A 63 7.04 0.33 8.73
CA ASP A 63 8.19 0.30 9.61
C ASP A 63 9.23 -0.66 9.02
N TRP A 64 10.36 -0.80 9.71
CA TRP A 64 11.42 -1.66 9.22
C TRP A 64 10.95 -3.12 9.20
N ILE A 65 11.14 -3.77 8.06
CA ILE A 65 10.76 -5.17 7.87
C ILE A 65 12.04 -5.96 7.65
N THR A 66 12.31 -6.92 8.53
CA THR A 66 13.44 -7.82 8.31
C THR A 66 13.13 -8.80 7.19
N ARG A 67 14.13 -9.11 6.40
CA ARG A 67 13.96 -10.06 5.32
C ARG A 67 14.36 -11.42 5.81
N GLU A 68 14.62 -11.54 7.08
CA GLU A 68 15.11 -12.79 7.62
C GLU A 68 16.23 -13.27 6.70
N GLY A 69 16.09 -14.39 6.05
CA GLY A 69 17.17 -14.76 5.15
C GLY A 69 16.79 -14.70 3.70
N ALA A 70 15.70 -14.04 3.39
CA ALA A 70 15.21 -14.05 2.04
C ALA A 70 15.99 -13.25 1.05
N GLN A 71 16.23 -13.83 -0.10
CA GLN A 71 16.90 -13.10 -1.14
C GLN A 71 15.86 -12.46 -1.99
N ARG A 72 14.63 -12.94 -1.86
CA ARG A 72 13.55 -12.38 -2.66
C ARG A 72 12.27 -12.43 -1.85
N VAL A 73 11.55 -11.30 -1.81
CA VAL A 73 10.30 -11.22 -1.07
C VAL A 73 9.18 -10.91 -2.05
N TYR A 74 7.96 -11.20 -1.62
CA TYR A 74 6.77 -11.03 -2.43
C TYR A 74 5.80 -10.11 -1.71
N ILE A 75 5.23 -9.17 -2.45
CA ILE A 75 4.38 -8.12 -1.91
C ILE A 75 3.01 -8.26 -2.56
N GLU A 76 2.00 -8.63 -1.77
CA GLU A 76 0.64 -8.81 -2.26
C GLU A 76 -0.21 -7.67 -1.70
N ILE A 77 -0.82 -6.91 -2.59
CA ILE A 77 -1.60 -5.72 -2.23
C ILE A 77 -3.04 -5.95 -2.65
N LYS A 78 -3.96 -5.80 -1.70
CA LYS A 78 -5.39 -5.80 -1.98
C LYS A 78 -5.91 -4.38 -1.78
N PHE A 79 -6.62 -3.87 -2.78
CA PHE A 79 -6.98 -2.46 -2.81
C PHE A 79 -8.21 -2.26 -3.68
N THR A 80 -8.69 -1.02 -3.71
CA THR A 80 -9.76 -0.63 -4.60
C THR A 80 -9.69 0.87 -4.79
N LEU A 81 -10.19 1.34 -5.93
CA LEU A 81 -10.11 2.75 -6.26
C LEU A 81 -11.30 3.13 -7.14
N ARG A 82 -11.36 4.42 -7.48
CA ARG A 82 -12.42 4.97 -8.32
C ARG A 82 -11.81 5.46 -9.62
N ASP A 83 -12.37 5.00 -10.74
CA ASP A 83 -12.00 5.57 -12.03
C ASP A 83 -12.33 7.05 -12.05
N CYS A 84 -11.52 7.82 -12.78
CA CYS A 84 -11.81 9.23 -12.94
C CYS A 84 -13.12 9.47 -13.68
N ASN A 85 -13.60 8.51 -14.42
CA ASN A 85 -14.89 8.69 -15.02
C ASN A 85 -15.95 8.69 -13.92
N SER A 86 -15.76 7.90 -12.88
CA SER A 86 -16.71 7.78 -11.77
C SER A 86 -16.80 9.01 -10.94
N LEU A 87 -15.98 9.99 -11.25
CA LEU A 87 -15.95 11.18 -10.43
C LEU A 87 -16.02 12.44 -11.28
N PRO A 88 -17.22 12.80 -11.73
CA PRO A 88 -17.36 13.99 -12.58
C PRO A 88 -16.96 15.26 -11.83
N GLY A 89 -16.27 16.14 -12.53
CA GLY A 89 -15.84 17.39 -11.96
C GLY A 89 -14.54 17.37 -11.21
N VAL A 90 -13.66 16.40 -11.49
CA VAL A 90 -12.36 16.34 -10.84
C VAL A 90 -11.34 17.06 -11.70
N MET A 91 -10.14 17.28 -11.14
CA MET A 91 -9.06 17.90 -11.90
C MET A 91 -8.74 17.08 -13.14
N GLY A 92 -8.27 17.75 -14.17
CA GLY A 92 -7.80 17.06 -15.36
C GLY A 92 -6.62 16.15 -15.13
N THR A 93 -5.98 16.25 -13.96
CA THR A 93 -4.84 15.43 -13.60
C THR A 93 -5.20 14.27 -12.67
N CYS A 94 -6.47 13.86 -12.66
CA CYS A 94 -6.88 12.72 -11.86
C CYS A 94 -6.17 11.46 -12.32
N LYS A 95 -5.60 10.72 -11.38
CA LYS A 95 -4.88 9.50 -11.66
C LYS A 95 -5.69 8.29 -11.20
N GLU A 96 -5.36 7.13 -11.76
CA GLU A 96 -6.02 5.88 -11.43
C GLU A 96 -5.03 4.81 -10.99
N THR A 97 -3.80 5.21 -10.65
CA THR A 97 -2.75 4.28 -10.26
C THR A 97 -2.03 4.83 -9.04
N PHE A 98 -1.08 4.04 -8.53
CA PHE A 98 -0.16 4.51 -7.50
C PHE A 98 1.14 3.73 -7.64
N ASN A 99 2.15 4.16 -6.89
CA ASN A 99 3.50 3.65 -7.05
C ASN A 99 3.96 2.93 -5.79
N LEU A 100 4.69 1.84 -5.99
CA LEU A 100 5.19 0.99 -4.92
C LEU A 100 6.71 1.08 -4.88
N TYR A 101 7.25 1.37 -3.70
CA TYR A 101 8.68 1.62 -3.51
C TYR A 101 9.24 0.68 -2.44
N TYR A 102 10.57 0.64 -2.39
CA TYR A 102 11.27 -0.05 -1.31
C TYR A 102 12.65 0.57 -1.13
N TYR A 103 13.16 0.47 0.09
CA TYR A 103 14.48 0.97 0.44
C TYR A 103 15.12 0.00 1.41
N GLU A 104 16.25 -0.60 1.01
CA GLU A 104 16.94 -1.54 1.87
C GLU A 104 17.75 -0.80 2.93
N SER A 105 17.78 -1.36 4.14
CA SER A 105 18.51 -0.74 5.24
C SER A 105 18.87 -1.79 6.27
N ASP A 106 20.07 -1.68 6.82
CA ASP A 106 20.46 -2.46 8.00
C ASP A 106 19.94 -1.86 9.29
N ASN A 107 19.38 -0.65 9.25
CA ASN A 107 18.94 0.05 10.44
C ASN A 107 17.42 -0.04 10.57
N ASP A 108 16.97 -0.27 11.80
CA ASP A 108 15.55 -0.52 12.07
C ASP A 108 14.79 0.73 12.49
N LYS A 109 15.47 1.87 12.59
CA LYS A 109 14.85 3.11 13.05
C LYS A 109 15.29 4.28 12.20
N GLU A 110 15.20 4.10 10.88
CA GLU A 110 15.41 5.21 9.96
C GLU A 110 14.32 6.25 10.13
N ARG A 111 14.73 7.51 10.29
CA ARG A 111 13.79 8.61 10.50
C ARG A 111 13.91 9.69 9.43
N PHE A 112 14.62 9.42 8.33
CA PHE A 112 14.80 10.41 7.28
C PHE A 112 15.07 9.75 5.94
N ILE A 113 14.18 8.88 5.51
CA ILE A 113 14.26 8.30 4.17
C ILE A 113 13.54 9.24 3.22
N ARG A 114 14.25 9.71 2.19
CA ARG A 114 13.68 10.64 1.23
C ARG A 114 13.13 9.90 0.01
N GLU A 115 12.39 10.63 -0.82
CA GLU A 115 11.85 10.06 -2.06
C GLU A 115 12.94 9.47 -2.93
N ASN A 116 14.13 10.10 -2.91
CA ASN A 116 15.21 9.66 -3.80
C ASN A 116 15.95 8.45 -3.26
N GLN A 117 15.80 8.13 -1.97
CA GLN A 117 16.35 6.88 -1.46
C GLN A 117 15.47 5.69 -1.77
N PHE A 118 14.17 5.90 -2.02
CA PHE A 118 13.26 4.82 -2.34
C PHE A 118 13.36 4.46 -3.82
N VAL A 119 13.37 3.15 -4.09
CA VAL A 119 13.48 2.62 -5.44
C VAL A 119 12.12 2.08 -5.84
N LYS A 120 11.65 2.49 -7.01
CA LYS A 120 10.31 2.10 -7.46
C LYS A 120 10.28 0.65 -7.89
N ILE A 121 9.31 -0.10 -7.36
CA ILE A 121 9.09 -1.47 -7.78
C ILE A 121 8.27 -1.53 -9.06
N ASP A 122 7.08 -0.92 -9.04
CA ASP A 122 6.23 -0.88 -10.21
C ASP A 122 5.10 0.10 -9.95
N THR A 123 4.43 0.49 -11.03
CA THR A 123 3.16 1.21 -10.94
C THR A 123 2.03 0.22 -10.77
N ILE A 124 1.22 0.41 -9.72
CA ILE A 124 0.14 -0.51 -9.39
C ILE A 124 -1.16 0.06 -9.94
N ALA A 125 -1.90 -0.78 -10.64
CA ALA A 125 -3.16 -0.38 -11.19
C ALA A 125 -4.23 -1.38 -10.96
N ALA A 126 -5.46 -0.93 -11.04
CA ALA A 126 -6.58 -1.84 -10.90
C ALA A 126 -6.72 -2.54 -12.22
N ASP A 127 -6.38 -3.80 -12.24
CA ASP A 127 -6.38 -4.53 -13.47
C ASP A 127 -7.36 -5.67 -13.51
N GLU A 128 -6.95 -6.79 -14.07
CA GLU A 128 -7.87 -7.89 -14.28
C GLU A 128 -8.08 -8.81 -13.11
N SER A 129 -7.08 -8.96 -12.27
CA SER A 129 -7.21 -9.90 -11.17
C SER A 129 -7.76 -9.20 -9.92
N PHE A 130 -8.60 -9.91 -9.18
CA PHE A 130 -9.18 -9.38 -7.95
C PHE A 130 -9.56 -10.54 -7.04
N THR A 131 -10.10 -10.19 -5.87
CA THR A 131 -10.55 -11.17 -4.90
C THR A 131 -11.89 -10.71 -4.33
N GLN A 132 -12.55 -11.61 -3.60
CA GLN A 132 -13.85 -11.31 -2.99
C GLN A 132 -13.91 -11.95 -1.62
N VAL A 133 -14.14 -11.14 -0.60
CA VAL A 133 -14.19 -11.61 0.77
C VAL A 133 -15.64 -11.72 1.25
N ASP A 137 -22.23 -9.70 6.19
CA ASP A 137 -23.50 -9.35 5.58
C ASP A 137 -23.30 -8.97 4.12
N ARG A 138 -22.11 -8.47 3.80
CA ARG A 138 -21.76 -8.00 2.47
C ARG A 138 -20.44 -8.64 2.06
N ILE A 139 -19.99 -8.35 0.85
CA ILE A 139 -18.73 -8.86 0.32
C ILE A 139 -18.03 -7.75 -0.43
N MET A 140 -16.74 -7.56 -0.16
CA MET A 140 -15.95 -6.55 -0.85
C MET A 140 -15.15 -7.17 -1.97
N LYS A 141 -15.25 -6.57 -3.15
CA LYS A 141 -14.50 -7.00 -4.32
C LYS A 141 -13.29 -6.07 -4.46
N LEU A 142 -12.10 -6.62 -4.26
CA LEU A 142 -10.87 -5.85 -4.21
C LEU A 142 -9.87 -6.39 -5.23
N ASN A 143 -9.23 -5.49 -5.97
CA ASN A 143 -8.14 -5.88 -6.84
C ASN A 143 -7.00 -6.46 -6.02
N THR A 144 -6.42 -7.55 -6.52
CA THR A 144 -5.23 -8.15 -5.94
C THR A 144 -4.07 -8.05 -6.93
N GLU A 145 -2.96 -7.48 -6.48
CA GLU A 145 -1.74 -7.43 -7.26
C GLU A 145 -0.60 -7.95 -6.41
N ILE A 146 0.33 -8.67 -7.03
CA ILE A 146 1.49 -9.19 -6.34
C ILE A 146 2.75 -8.81 -7.12
N ARG A 147 3.76 -8.33 -6.42
CA ARG A 147 5.05 -8.00 -7.01
C ARG A 147 6.15 -8.60 -6.14
N ASP A 148 7.32 -8.78 -6.75
CA ASP A 148 8.47 -9.34 -6.05
C ASP A 148 9.69 -8.49 -6.32
N VAL A 149 10.62 -8.48 -5.38
CA VAL A 149 11.87 -7.74 -5.51
C VAL A 149 13.02 -8.62 -5.03
N GLY A 150 14.19 -8.37 -5.60
CA GLY A 150 15.38 -9.11 -5.27
C GLY A 150 16.46 -8.90 -6.32
N PRO A 151 17.71 -9.25 -6.03
CA PRO A 151 18.16 -9.82 -4.78
C PRO A 151 18.35 -8.82 -3.66
N LEU A 152 17.88 -9.17 -2.49
CA LEU A 152 18.03 -8.31 -1.32
C LEU A 152 19.34 -8.60 -0.63
N SER A 153 19.90 -7.62 0.04
CA SER A 153 21.21 -7.78 0.64
C SER A 153 21.28 -7.27 2.07
N LYS A 154 20.50 -6.28 2.42
CA LYS A 154 20.55 -5.72 3.74
C LYS A 154 19.69 -6.48 4.71
N LYS A 155 19.89 -6.23 5.98
CA LYS A 155 19.17 -6.96 6.99
C LYS A 155 17.69 -6.84 6.85
N GLY A 156 17.26 -5.69 6.42
CA GLY A 156 15.84 -5.51 6.22
C GLY A 156 15.52 -4.48 5.16
N PHE A 157 14.28 -4.01 5.13
CA PHE A 157 13.85 -3.08 4.11
C PHE A 157 12.59 -2.37 4.57
N TYR A 158 12.30 -1.24 3.93
CA TYR A 158 11.07 -0.49 4.11
C TYR A 158 10.28 -0.52 2.82
N LEU A 159 8.96 -0.52 2.94
CA LEU A 159 8.07 -0.40 1.79
C LEU A 159 7.35 0.94 1.84
N ALA A 160 7.03 1.47 0.67
CA ALA A 160 6.38 2.77 0.58
C ALA A 160 5.38 2.78 -0.56
N PHE A 161 4.38 3.64 -0.43
CA PHE A 161 3.34 3.82 -1.43
C PHE A 161 3.16 5.31 -1.68
N GLN A 162 3.07 5.68 -2.96
CA GLN A 162 2.99 7.08 -3.36
C GLN A 162 1.68 7.34 -4.10
N ASP A 163 0.99 8.41 -3.71
CA ASP A 163 -0.20 8.86 -4.41
C ASP A 163 0.10 10.20 -5.06
N VAL A 164 -0.30 10.35 -6.33
CA VAL A 164 -0.04 11.58 -7.06
C VAL A 164 -1.35 12.17 -7.58
N GLY A 165 -2.46 11.87 -6.92
CA GLY A 165 -3.73 12.46 -7.29
C GLY A 165 -4.79 11.44 -7.66
N ALA A 166 -4.90 10.36 -6.90
CA ALA A 166 -5.88 9.31 -7.15
C ALA A 166 -6.77 9.14 -5.92
N CYS A 167 -7.76 8.26 -6.06
CA CYS A 167 -8.74 7.98 -5.02
C CYS A 167 -8.64 6.50 -4.70
N ILE A 168 -7.78 6.15 -3.74
CA ILE A 168 -7.37 4.77 -3.51
C ILE A 168 -7.67 4.37 -2.07
N ALA A 169 -7.91 3.08 -1.87
CA ALA A 169 -8.09 2.50 -0.53
C ALA A 169 -7.24 1.24 -0.43
N LEU A 170 -6.17 1.31 0.33
CA LEU A 170 -5.28 0.16 0.56
C LEU A 170 -5.87 -0.68 1.68
N VAL A 171 -6.50 -1.80 1.33
CA VAL A 171 -7.21 -2.60 2.32
C VAL A 171 -6.26 -3.50 3.08
N SER A 172 -5.27 -4.09 2.40
CA SER A 172 -4.32 -4.96 3.06
C SER A 172 -3.03 -5.02 2.27
N VAL A 173 -1.94 -5.29 2.99
CA VAL A 173 -0.61 -5.46 2.39
C VAL A 173 0.02 -6.67 3.06
N ARG A 174 0.51 -7.60 2.23
CA ARG A 174 1.11 -8.83 2.75
C ARG A 174 2.48 -9.02 2.12
N VAL A 175 3.48 -9.33 2.95
CA VAL A 175 4.85 -9.51 2.52
C VAL A 175 5.32 -10.88 3.00
N PHE A 176 5.87 -11.68 2.10
CA PHE A 176 6.33 -13.02 2.43
C PHE A 176 7.47 -13.41 1.49
N TYR A 177 8.06 -14.57 1.76
CA TYR A 177 9.03 -15.17 0.86
C TYR A 177 8.80 -16.68 0.84
N LYS A 178 9.46 -17.35 -0.10
CA LYS A 178 9.21 -18.76 -0.36
C LYS A 178 10.35 -19.60 0.18
N LYS A 179 10.02 -20.69 0.88
CA LYS A 179 11.02 -21.57 1.45
C LYS A 179 11.80 -22.28 0.36
N ALA A 180 13.00 -22.73 0.72
CA ALA A 180 13.88 -23.44 -0.19
C ALA A 180 13.33 -24.83 -0.52
N BAL B 1 -7.43 15.24 2.44
CB BAL B 1 -8.23 16.46 2.41
CA BAL B 1 -9.73 16.25 2.55
C BAL B 1 -10.19 15.27 1.51
O BAL B 1 -10.31 15.54 0.34
N PRO B 2 -10.45 14.03 1.97
CA PRO B 2 -10.85 12.94 1.06
C PRO B 2 -12.18 13.21 0.37
N TYR B 3 -12.16 13.29 -0.95
CA TYR B 3 -13.37 13.52 -1.73
C TYR B 3 -14.35 12.36 -1.53
N NLE B 4 -13.83 11.15 -1.52
CA NLE B 4 -14.62 9.95 -1.26
C NLE B 4 -13.90 9.04 -0.27
O NLE B 4 -12.68 9.03 -0.20
CB NLE B 4 -14.92 9.20 -2.55
CG NLE B 4 -15.85 9.93 -3.49
CD NLE B 4 -17.30 9.70 -3.11
CE NLE B 4 -17.95 8.66 -4.02
N VAL B 5 -14.68 8.27 0.49
CA VAL B 5 -14.12 7.29 1.41
C VAL B 5 -14.76 5.94 1.17
N TYR B 6 -13.95 4.90 1.08
CA TYR B 6 -14.45 3.55 0.80
C TYR B 6 -14.70 2.82 2.12
N ARG B 7 -15.93 2.40 2.33
CA ARG B 7 -16.27 1.60 3.50
C ARG B 7 -16.99 0.32 3.12
C01 A1A0X B 8 -16.03 -3.07 3.56
C02 A1A0X B 8 -16.90 -2.97 2.32
C04 A1A0X B 8 -18.41 -3.33 0.26
C05 A1A0X B 8 -18.03 -2.02 0.49
C06 A1A0X B 8 -18.48 -0.90 -0.43
C08 A1A0X B 8 -17.21 -1.83 1.60
N09 A1A0X B 8 -16.71 -0.52 1.99
O07 A1A0X B 8 -19.00 -1.16 -1.46
S03 A1A0X B 8 -17.71 -4.27 1.51
N GLU B 9 -18.80 0.37 0.15
CA GLU B 9 -19.24 1.42 -0.75
C GLU B 9 -18.46 2.70 -0.52
N TRP B 10 -18.56 3.63 -1.46
CA TRP B 10 -17.93 4.93 -1.35
C TRP B 10 -18.96 5.96 -0.90
N SER B 11 -18.52 6.87 -0.04
CA SER B 11 -19.34 7.95 0.47
C SER B 11 -18.49 9.20 0.53
N PRO B 12 -19.13 10.38 0.58
CA PRO B 12 -18.33 11.62 0.68
C PRO B 12 -17.51 11.67 1.96
N NH2 B 13 -16.35 12.32 1.90
CL CL C . -2.91 -1.10 5.20
#